data_3C3Y
#
_entry.id   3C3Y
#
_cell.length_a   48.890
_cell.length_b   71.830
_cell.length_c   128.120
_cell.angle_alpha   90.00
_cell.angle_beta   90.00
_cell.angle_gamma   90.00
#
_symmetry.space_group_name_H-M   'P 21 21 21'
#
loop_
_entity.id
_entity.type
_entity.pdbx_description
1 polymer O-methyltransferase
2 non-polymer 'CALCIUM ION'
3 non-polymer S-ADENOSYL-L-HOMOCYSTEINE
4 water water
#
_entity_poly.entity_id   1
_entity_poly.type   'polypeptide(L)'
_entity_poly.pdbx_seq_one_letter_code
;MDFAVMKQVKNTGLLQSEELCQYILRTSVYPREAGFLKELREANESHPDSYMSTSPLAGQLMSFVLKLVNAKKTIEVGVF
TGYSLLLTALSIPDDGKITAIDFDREAYEIGLPFIRKAGVEHKINFIESDAMLALDNLLQGQESEGSYDFGFVDADKPNY
IKYHERLMKLVKVGGIVAYDNTLWGGTVAQPESEVPDFMKENREAVIELNKLLAADPRIEIVHLPLGDGITFCRRLY
;
_entity_poly.pdbx_strand_id   A,B
#
loop_
_chem_comp.id
_chem_comp.type
_chem_comp.name
_chem_comp.formula
CA non-polymer 'CALCIUM ION' 'Ca 2'
#
# COMPACT_ATOMS: atom_id res chain seq x y z
N GLY A 13 -14.20 4.03 5.63
CA GLY A 13 -14.50 3.18 4.44
C GLY A 13 -13.95 1.79 4.62
N LEU A 14 -14.83 0.80 4.71
CA LEU A 14 -14.39 -0.55 5.00
C LEU A 14 -14.81 -1.65 4.03
N LEU A 15 -14.71 -2.89 4.50
CA LEU A 15 -14.76 -4.04 3.59
C LEU A 15 -16.16 -4.63 3.52
N GLN A 16 -16.34 -5.62 2.65
CA GLN A 16 -17.65 -6.22 2.40
C GLN A 16 -18.21 -6.91 3.64
N SER A 17 -17.33 -7.38 4.50
CA SER A 17 -17.74 -8.03 5.74
C SER A 17 -16.72 -7.91 6.85
N GLU A 18 -17.19 -7.90 8.09
CA GLU A 18 -16.33 -7.94 9.26
C GLU A 18 -15.50 -9.23 9.23
N GLU A 19 -16.10 -10.29 8.75
CA GLU A 19 -15.44 -11.59 8.62
C GLU A 19 -14.15 -11.45 7.78
N LEU A 20 -14.23 -10.71 6.68
CA LEU A 20 -13.07 -10.53 5.80
C LEU A 20 -11.97 -9.73 6.50
N CYS A 21 -12.38 -8.65 7.15
CA CYS A 21 -11.45 -7.82 7.91
C CYS A 21 -10.74 -8.64 8.99
N GLN A 22 -11.51 -9.39 9.79
CA GLN A 22 -10.93 -10.18 10.88
C GLN A 22 -10.00 -11.28 10.36
N TYR A 23 -10.34 -11.83 9.19
CA TYR A 23 -9.45 -12.80 8.53
C TYR A 23 -8.09 -12.18 8.24
N ILE A 24 -8.06 -10.99 7.64
CA ILE A 24 -6.80 -10.33 7.32
C ILE A 24 -6.05 -10.02 8.60
N LEU A 25 -6.75 -9.47 9.60
CA LEU A 25 -6.07 -9.10 10.84
C LEU A 25 -5.48 -10.31 11.53
N ARG A 26 -6.27 -11.36 11.68
CA ARG A 26 -5.79 -12.54 12.40
C ARG A 26 -4.74 -13.33 11.61
N THR A 27 -4.88 -13.36 10.31
CA THR A 27 -3.94 -14.14 9.49
C THR A 27 -2.61 -13.41 9.30
N SER A 28 -2.66 -12.11 9.00
CA SER A 28 -1.46 -11.42 8.48
C SER A 28 -0.97 -10.23 9.32
N VAL A 29 -1.83 -9.68 10.17
CA VAL A 29 -1.46 -8.47 10.91
C VAL A 29 -1.08 -8.76 12.35
N TYR A 30 -2.02 -9.30 13.12
CA TYR A 30 -1.79 -9.50 14.54
C TYR A 30 -0.57 -10.39 14.86
N PRO A 31 -0.34 -11.46 14.09
CA PRO A 31 0.85 -12.27 14.45
C PRO A 31 2.21 -11.54 14.29
N ARG A 32 2.22 -10.49 13.49
CA ARG A 32 3.45 -9.74 13.17
C ARG A 32 3.50 -8.39 13.89
N GLU A 33 2.41 -8.04 14.58
CA GLU A 33 2.33 -6.79 15.33
C GLU A 33 3.15 -6.85 16.63
N ALA A 34 3.92 -5.81 16.92
CA ALA A 34 4.72 -5.76 18.12
C ALA A 34 3.89 -5.85 19.39
N GLY A 35 4.39 -6.64 20.35
CA GLY A 35 3.75 -6.78 21.65
C GLY A 35 3.39 -5.44 22.29
N PHE A 36 4.31 -4.49 22.26
CA PHE A 36 4.05 -3.18 22.87
C PHE A 36 2.94 -2.39 22.15
N LEU A 37 2.77 -2.62 20.85
CA LEU A 37 1.64 -2.04 20.13
C LEU A 37 0.30 -2.61 20.60
N LYS A 38 0.25 -3.93 20.80
CA LYS A 38 -0.95 -4.58 21.35
C LYS A 38 -1.29 -4.00 22.72
N GLU A 39 -0.25 -3.83 23.56
CA GLU A 39 -0.42 -3.28 24.89
C GLU A 39 -1.04 -1.90 24.81
N LEU A 40 -0.52 -1.08 23.91
CA LEU A 40 -1.01 0.29 23.77
C LEU A 40 -2.46 0.28 23.28
N ARG A 41 -2.76 -0.58 22.31
CA ARG A 41 -4.11 -0.76 21.77
C ARG A 41 -5.09 -1.10 22.89
N GLU A 42 -4.70 -1.97 23.82
CA GLU A 42 -5.57 -2.34 24.93
C GLU A 42 -5.82 -1.16 25.88
N ALA A 43 -4.77 -0.42 26.18
CA ALA A 43 -4.91 0.77 27.02
C ALA A 43 -5.84 1.77 26.36
N ASN A 44 -5.69 1.92 25.06
CA ASN A 44 -6.49 2.84 24.27
C ASN A 44 -8.01 2.59 24.40
N GLU A 45 -8.38 1.32 24.59
CA GLU A 45 -9.78 0.91 24.71
C GLU A 45 -10.54 1.70 25.77
N SER A 46 -9.84 2.19 26.79
CA SER A 46 -10.47 2.91 27.90
C SER A 46 -10.77 4.38 27.60
N HIS A 47 -10.17 4.91 26.54
CA HIS A 47 -10.44 6.29 26.17
C HIS A 47 -11.80 6.38 25.47
N PRO A 48 -12.60 7.41 25.82
CA PRO A 48 -13.91 7.51 25.20
C PRO A 48 -13.88 7.59 23.67
N ASP A 49 -12.79 8.13 23.12
CA ASP A 49 -12.66 8.28 21.68
C ASP A 49 -11.67 7.26 21.09
N SER A 50 -11.57 6.11 21.74
CA SER A 50 -10.66 5.02 21.35
C SER A 50 -10.67 4.70 19.86
N TYR A 51 -11.82 4.91 19.20
CA TYR A 51 -11.95 4.63 17.78
C TYR A 51 -10.96 5.44 16.91
N MET A 52 -10.36 6.48 17.47
CA MET A 52 -9.44 7.32 16.71
C MET A 52 -8.08 6.67 16.56
N SER A 53 -7.80 5.59 17.30
CA SER A 53 -6.50 4.94 17.22
C SER A 53 -6.28 4.33 15.83
N THR A 54 -5.06 4.46 15.30
CA THR A 54 -4.79 4.07 13.92
C THR A 54 -5.02 2.57 13.65
N SER A 55 -5.68 2.27 12.55
CA SER A 55 -5.89 0.89 12.10
C SER A 55 -4.56 0.11 12.07
N PRO A 56 -4.50 -1.07 12.72
CA PRO A 56 -3.30 -1.90 12.66
C PRO A 56 -2.92 -2.30 11.24
N LEU A 57 -3.88 -2.46 10.36
CA LEU A 57 -3.55 -2.77 8.98
C LEU A 57 -2.88 -1.58 8.27
N ALA A 58 -3.48 -0.39 8.39
CA ALA A 58 -2.81 0.81 7.85
C ALA A 58 -1.43 0.94 8.46
N GLY A 59 -1.32 0.66 9.76
CA GLY A 59 -0.03 0.70 10.45
C GLY A 59 1.00 -0.25 9.84
N GLN A 60 0.56 -1.45 9.48
CA GLN A 60 1.46 -2.44 8.90
C GLN A 60 2.00 -1.94 7.57
N LEU A 61 1.17 -1.28 6.77
CA LEU A 61 1.69 -0.66 5.55
C LEU A 61 2.59 0.52 5.86
N MET A 62 2.24 1.34 6.86
CA MET A 62 3.14 2.42 7.23
C MET A 62 4.53 1.91 7.57
N SER A 63 4.59 0.85 8.37
CA SER A 63 5.88 0.27 8.77
C SER A 63 6.64 -0.23 7.56
N PHE A 64 5.97 -0.91 6.66
CA PHE A 64 6.54 -1.43 5.42
C PHE A 64 7.17 -0.30 4.61
N VAL A 65 6.43 0.79 4.41
CA VAL A 65 6.92 1.94 3.63
C VAL A 65 8.10 2.62 4.34
N LEU A 66 7.96 2.83 5.64
CA LEU A 66 9.05 3.45 6.43
C LEU A 66 10.35 2.67 6.28
N LYS A 67 10.29 1.35 6.43
CA LYS A 67 11.48 0.51 6.29
C LYS A 67 12.01 0.50 4.86
N LEU A 68 11.10 0.50 3.88
CA LEU A 68 11.47 0.49 2.48
C LEU A 68 12.32 1.68 2.07
N VAL A 69 12.02 2.83 2.67
CA VAL A 69 12.70 4.07 2.29
C VAL A 69 13.79 4.47 3.30
N ASN A 70 14.03 3.62 4.28
CA ASN A 70 15.01 3.88 5.33
C ASN A 70 14.78 5.24 5.98
N ALA A 71 13.51 5.55 6.28
CA ALA A 71 13.17 6.80 6.93
C ALA A 71 13.88 6.90 8.26
N LYS A 72 14.40 8.10 8.56
CA LYS A 72 15.07 8.35 9.82
C LYS A 72 14.46 9.53 10.56
N LYS A 73 14.13 10.59 9.84
CA LYS A 73 13.58 11.80 10.43
C LYS A 73 12.13 11.94 10.00
N THR A 74 11.22 11.88 10.96
CA THR A 74 9.81 11.90 10.61
C THR A 74 9.05 12.89 11.44
N ILE A 75 7.83 13.17 10.97
CA ILE A 75 6.93 14.09 11.65
C ILE A 75 5.54 13.50 11.69
N GLU A 76 4.89 13.63 12.84
CA GLU A 76 3.53 13.17 12.97
C GLU A 76 2.68 14.29 13.49
N VAL A 77 1.55 14.56 12.81
CA VAL A 77 0.63 15.61 13.22
C VAL A 77 -0.68 14.92 13.62
N GLY A 78 -0.96 14.83 14.92
CA GLY A 78 -2.11 14.04 15.38
C GLY A 78 -1.65 12.73 16.01
N VAL A 79 -1.43 12.77 17.32
CA VAL A 79 -0.80 11.68 18.06
C VAL A 79 -1.81 10.85 18.84
N PHE A 80 -2.77 11.54 19.46
CA PHE A 80 -3.76 10.87 20.31
C PHE A 80 -3.04 10.00 21.33
N THR A 81 -3.48 8.76 21.47
CA THR A 81 -2.90 7.86 22.49
C THR A 81 -1.67 7.10 22.00
N GLY A 82 -1.23 7.35 20.77
CA GLY A 82 0.12 7.00 20.36
C GLY A 82 0.38 5.79 19.48
N TYR A 83 -0.66 5.11 18.98
CA TYR A 83 -0.41 3.90 18.19
C TYR A 83 0.49 4.16 16.97
N SER A 84 0.11 5.10 16.11
CA SER A 84 0.94 5.34 14.91
C SER A 84 2.30 5.88 15.31
N LEU A 85 2.36 6.63 16.39
CA LEU A 85 3.65 7.19 16.82
C LEU A 85 4.60 6.07 17.27
N LEU A 86 4.10 5.16 18.09
CA LEU A 86 4.91 4.04 18.54
C LEU A 86 5.26 3.13 17.38
N LEU A 87 4.33 2.84 16.49
CA LEU A 87 4.63 2.04 15.31
C LEU A 87 5.76 2.68 14.49
N THR A 88 5.69 3.99 14.31
CA THR A 88 6.75 4.69 13.58
C THR A 88 8.09 4.60 14.28
N ALA A 89 8.07 4.83 15.58
CA ALA A 89 9.30 4.77 16.36
C ALA A 89 9.94 3.37 16.29
N LEU A 90 9.13 2.34 16.26
CA LEU A 90 9.67 0.97 16.20
C LEU A 90 10.16 0.61 14.80
N SER A 91 9.74 1.40 13.82
CA SER A 91 10.05 1.08 12.44
C SER A 91 11.36 1.71 11.97
N ILE A 92 11.70 2.85 12.54
CA ILE A 92 12.87 3.62 12.15
C ILE A 92 14.11 3.25 12.97
N PRO A 93 15.32 3.60 12.48
CA PRO A 93 16.53 3.19 13.19
C PRO A 93 16.63 3.80 14.59
N ASP A 94 17.57 3.29 15.39
CA ASP A 94 17.79 3.79 16.75
C ASP A 94 18.05 5.30 16.81
N ASP A 95 18.70 5.84 15.77
CA ASP A 95 19.02 7.26 15.75
C ASP A 95 17.92 8.06 15.05
N GLY A 96 16.80 7.39 14.78
CA GLY A 96 15.66 8.07 14.17
C GLY A 96 15.11 9.14 15.11
N LYS A 97 14.58 10.20 14.52
CA LYS A 97 14.06 11.32 15.30
C LYS A 97 12.68 11.70 14.76
N ILE A 98 11.69 11.68 15.65
CA ILE A 98 10.31 12.00 15.30
C ILE A 98 9.89 13.30 15.96
N THR A 99 9.31 14.20 15.18
CA THR A 99 8.63 15.37 15.68
C THR A 99 7.16 15.03 15.80
N ALA A 100 6.64 15.02 17.02
CA ALA A 100 5.28 14.55 17.24
C ALA A 100 4.43 15.68 17.82
N ILE A 101 3.39 16.08 17.11
CA ILE A 101 2.62 17.28 17.45
C ILE A 101 1.17 16.94 17.77
N ASP A 102 0.70 17.39 18.92
CA ASP A 102 -0.73 17.21 19.25
C ASP A 102 -1.10 18.24 20.32
N PHE A 103 -2.31 18.79 20.31
CA PHE A 103 -2.64 19.73 21.38
C PHE A 103 -3.13 19.06 22.65
N ASP A 104 -3.28 17.73 22.61
CA ASP A 104 -3.79 16.97 23.76
C ASP A 104 -2.70 16.09 24.38
N ARG A 105 -2.03 16.61 25.40
CA ARG A 105 -1.04 15.84 26.13
C ARG A 105 -1.64 14.70 26.95
N GLU A 106 -2.89 14.87 27.41
CA GLU A 106 -3.55 13.83 28.21
C GLU A 106 -3.63 12.51 27.44
N ALA A 107 -4.03 12.58 26.18
CA ALA A 107 -4.12 11.37 25.38
C ALA A 107 -2.74 10.74 25.16
N TYR A 108 -1.73 11.57 24.89
CA TYR A 108 -0.36 11.08 24.68
C TYR A 108 0.11 10.27 25.88
N GLU A 109 -0.25 10.75 27.07
CA GLU A 109 0.19 10.11 28.32
C GLU A 109 -0.37 8.69 28.50
N ILE A 110 -1.44 8.38 27.77
CA ILE A 110 -1.99 7.02 27.80
C ILE A 110 -1.03 6.06 27.07
N GLY A 111 -0.41 6.50 25.98
CA GLY A 111 0.51 5.63 25.24
C GLY A 111 1.94 5.68 25.75
N LEU A 112 2.25 6.76 26.45
CA LEU A 112 3.64 7.00 26.86
C LEU A 112 4.27 5.86 27.67
N PRO A 113 3.52 5.18 28.57
CA PRO A 113 4.17 4.05 29.27
C PRO A 113 4.63 2.93 28.33
N PHE A 114 3.93 2.75 27.22
CA PHE A 114 4.29 1.70 26.27
C PHE A 114 5.44 2.13 25.37
N ILE A 115 5.45 3.41 25.03
CA ILE A 115 6.58 3.99 24.37
C ILE A 115 7.84 3.80 25.21
N ARG A 116 7.70 4.00 26.51
CA ARG A 116 8.83 3.80 27.43
C ARG A 116 9.22 2.34 27.58
N LYS A 117 8.25 1.45 27.73
CA LYS A 117 8.56 0.01 27.79
C LYS A 117 9.34 -0.42 26.56
N ALA A 118 9.00 0.18 25.41
CA ALA A 118 9.62 -0.19 24.15
C ALA A 118 11.01 0.40 23.97
N GLY A 119 11.38 1.33 24.86
CA GLY A 119 12.70 1.92 24.83
C GLY A 119 12.92 2.91 23.69
N VAL A 120 11.85 3.56 23.26
CA VAL A 120 11.92 4.47 22.13
C VAL A 120 11.58 5.95 22.42
N GLU A 121 11.38 6.30 23.70
CA GLU A 121 11.04 7.68 24.01
C GLU A 121 12.11 8.65 23.52
N HIS A 122 13.36 8.22 23.54
CA HIS A 122 14.46 9.09 23.13
C HIS A 122 14.35 9.56 21.68
N LYS A 123 13.57 8.85 20.86
CA LYS A 123 13.38 9.23 19.46
C LYS A 123 12.37 10.34 19.28
N ILE A 124 11.59 10.60 20.32
CA ILE A 124 10.39 11.38 20.17
C ILE A 124 10.51 12.74 20.84
N ASN A 125 10.21 13.77 20.05
CA ASN A 125 10.06 15.11 20.55
C ASN A 125 8.59 15.48 20.50
N PHE A 126 7.91 15.36 21.64
CA PHE A 126 6.49 15.66 21.69
C PHE A 126 6.26 17.16 21.92
N ILE A 127 5.56 17.78 20.98
CA ILE A 127 5.23 19.19 21.04
C ILE A 127 3.73 19.36 21.30
N GLU A 128 3.41 19.91 22.46
CA GLU A 128 2.03 20.12 22.85
C GLU A 128 1.62 21.48 22.32
N SER A 129 0.97 21.49 21.18
CA SER A 129 0.66 22.74 20.51
C SER A 129 -0.44 22.55 19.49
N ASP A 130 -1.12 23.63 19.16
CA ASP A 130 -1.84 23.67 17.91
C ASP A 130 -0.90 23.24 16.79
N ALA A 131 -1.39 22.40 15.89
CA ALA A 131 -0.57 21.84 14.84
C ALA A 131 -0.02 22.87 13.86
N MET A 132 -0.88 23.76 13.40
CA MET A 132 -0.46 24.77 12.43
C MET A 132 0.62 25.65 13.06
N LEU A 133 0.41 26.05 14.32
CA LEU A 133 1.44 26.85 15.01
C LEU A 133 2.80 26.14 15.06
N ALA A 134 2.79 24.85 15.43
CA ALA A 134 4.04 24.11 15.54
C ALA A 134 4.73 24.01 14.18
N LEU A 135 3.94 23.72 13.14
CA LEU A 135 4.49 23.56 11.81
C LEU A 135 5.07 24.87 11.32
N ASP A 136 4.36 25.97 11.57
CA ASP A 136 4.85 27.27 11.13
C ASP A 136 6.08 27.73 11.90
N ASN A 137 6.17 27.40 13.20
CA ASN A 137 7.40 27.65 13.95
C ASN A 137 8.57 26.82 13.40
N LEU A 138 8.34 25.53 13.16
N LEU A 138 8.33 25.53 13.15
CA LEU A 138 9.35 24.68 12.54
CA LEU A 138 9.32 24.67 12.56
C LEU A 138 9.88 25.31 11.27
C LEU A 138 9.86 25.26 11.24
N LEU A 139 8.96 25.76 10.40
CA LEU A 139 9.35 26.33 9.10
C LEU A 139 10.09 27.67 9.15
N GLN A 140 10.09 28.33 10.31
CA GLN A 140 10.87 29.55 10.43
C GLN A 140 12.33 29.17 10.52
N GLY A 141 12.57 27.91 10.92
CA GLY A 141 13.90 27.33 10.91
C GLY A 141 14.51 27.38 9.52
N GLN A 142 15.73 27.89 9.45
CA GLN A 142 16.37 28.14 8.17
C GLN A 142 16.71 26.84 7.41
N GLU A 143 16.76 25.73 8.14
CA GLU A 143 17.17 24.45 7.55
C GLU A 143 16.11 23.36 7.69
N SER A 144 14.90 23.75 8.04
CA SER A 144 13.80 22.79 8.24
C SER A 144 13.26 22.23 6.92
N GLU A 145 13.29 23.06 5.89
CA GLU A 145 12.77 22.69 4.59
C GLU A 145 13.51 21.50 4.01
N GLY A 146 12.74 20.52 3.55
CA GLY A 146 13.30 19.36 2.89
C GLY A 146 14.10 18.47 3.80
N SER A 147 13.90 18.60 5.12
CA SER A 147 14.66 17.79 6.09
C SER A 147 13.99 16.48 6.54
N TYR A 148 12.69 16.36 6.28
CA TYR A 148 11.97 15.18 6.77
C TYR A 148 11.84 14.09 5.73
N ASP A 149 11.97 12.83 6.17
CA ASP A 149 11.84 11.70 5.27
C ASP A 149 10.38 11.29 5.09
N PHE A 150 9.56 11.52 6.11
CA PHE A 150 8.22 10.95 6.17
C PHE A 150 7.39 11.82 7.07
N GLY A 151 6.15 12.09 6.65
CA GLY A 151 5.17 12.80 7.47
C GLY A 151 3.85 12.04 7.55
N PHE A 152 3.24 12.02 8.72
CA PHE A 152 1.91 11.42 8.86
C PHE A 152 0.96 12.49 9.37
N VAL A 153 -0.06 12.81 8.57
CA VAL A 153 -0.98 13.86 8.93
C VAL A 153 -2.27 13.14 9.33
N ASP A 154 -2.64 13.29 10.61
CA ASP A 154 -3.79 12.57 11.16
C ASP A 154 -4.45 13.42 12.24
N ALA A 155 -4.48 14.74 12.06
CA ALA A 155 -5.08 15.63 13.05
C ALA A 155 -6.52 15.99 12.64
N ASP A 156 -6.88 17.26 12.76
CA ASP A 156 -8.22 17.73 12.40
C ASP A 156 -8.41 17.82 10.88
N LYS A 157 -9.41 17.11 10.37
CA LYS A 157 -9.52 16.90 8.93
C LYS A 157 -9.76 18.18 8.11
N PRO A 158 -10.54 19.15 8.66
CA PRO A 158 -10.70 20.41 7.93
C PRO A 158 -9.39 21.15 7.66
N ASN A 159 -8.34 20.86 8.41
CA ASN A 159 -7.05 21.54 8.19
C ASN A 159 -6.07 20.76 7.31
N TYR A 160 -6.47 19.59 6.83
CA TYR A 160 -5.55 18.76 6.03
C TYR A 160 -4.95 19.51 4.84
N ILE A 161 -5.78 20.29 4.15
CA ILE A 161 -5.29 21.02 2.99
C ILE A 161 -4.21 22.01 3.39
N LYS A 162 -4.42 22.75 4.48
CA LYS A 162 -3.38 23.64 4.98
C LYS A 162 -2.14 22.89 5.45
N TYR A 163 -2.34 21.74 6.12
CA TYR A 163 -1.21 20.95 6.57
C TYR A 163 -0.36 20.49 5.38
N HIS A 164 -1.01 20.12 4.29
CA HIS A 164 -0.30 19.67 3.09
C HIS A 164 0.68 20.74 2.56
N GLU A 165 0.25 22.00 2.62
CA GLU A 165 1.08 23.13 2.20
C GLU A 165 2.38 23.09 2.99
N ARG A 166 2.28 22.85 4.29
CA ARG A 166 3.45 22.82 5.16
C ARG A 166 4.29 21.56 4.97
N LEU A 167 3.63 20.42 4.92
CA LEU A 167 4.32 19.15 4.80
C LEU A 167 5.07 19.06 3.48
N MET A 168 4.52 19.68 2.44
CA MET A 168 5.21 19.69 1.14
C MET A 168 6.52 20.47 1.17
N LYS A 169 6.67 21.37 2.14
CA LYS A 169 7.91 22.12 2.34
C LYS A 169 8.88 21.37 3.26
N LEU A 170 8.35 20.72 4.29
CA LEU A 170 9.16 20.01 5.28
C LEU A 170 9.73 18.68 4.81
N VAL A 171 8.98 17.95 3.99
CA VAL A 171 9.46 16.67 3.54
C VAL A 171 10.36 16.81 2.32
N LYS A 172 11.43 16.01 2.28
CA LYS A 172 12.39 16.04 1.19
C LYS A 172 11.78 15.59 -0.13
N VAL A 173 12.43 16.00 -1.22
CA VAL A 173 12.09 15.44 -2.52
C VAL A 173 12.31 13.95 -2.44
N GLY A 174 11.32 13.19 -2.91
CA GLY A 174 11.36 11.73 -2.81
C GLY A 174 10.83 11.22 -1.48
N GLY A 175 10.57 12.14 -0.56
CA GLY A 175 10.00 11.78 0.75
C GLY A 175 8.50 11.49 0.64
N ILE A 176 7.94 11.02 1.75
CA ILE A 176 6.55 10.53 1.78
C ILE A 176 5.69 11.32 2.76
N VAL A 177 4.47 11.65 2.36
CA VAL A 177 3.49 12.22 3.28
C VAL A 177 2.26 11.34 3.18
N ALA A 178 1.77 10.88 4.34
CA ALA A 178 0.56 10.06 4.36
C ALA A 178 -0.53 10.80 5.13
N TYR A 179 -1.79 10.62 4.70
CA TYR A 179 -2.97 11.25 5.31
C TYR A 179 -3.92 10.12 5.68
N ASP A 180 -4.38 10.14 6.94
CA ASP A 180 -5.33 9.12 7.40
C ASP A 180 -6.78 9.60 7.31
N ASN A 181 -7.71 8.64 7.29
CA ASN A 181 -9.17 8.89 7.25
C ASN A 181 -9.61 9.49 5.92
N THR A 182 -8.87 9.17 4.86
CA THR A 182 -9.21 9.74 3.54
C THR A 182 -10.42 9.07 2.87
N LEU A 183 -11.12 8.17 3.59
CA LEU A 183 -12.43 7.74 3.10
C LEU A 183 -13.59 8.08 4.06
N TRP A 184 -13.26 8.74 5.17
CA TRP A 184 -14.23 9.20 6.17
C TRP A 184 -15.48 8.31 6.33
N GLY A 185 -15.25 7.09 6.81
CA GLY A 185 -16.37 6.21 7.14
C GLY A 185 -17.12 5.72 5.91
N GLY A 186 -16.53 5.93 4.74
CA GLY A 186 -17.19 5.61 3.46
C GLY A 186 -18.09 6.72 2.96
N THR A 187 -18.26 7.76 3.77
CA THR A 187 -19.26 8.81 3.49
C THR A 187 -18.89 9.66 2.28
N VAL A 188 -17.60 9.72 1.97
CA VAL A 188 -17.14 10.51 0.85
C VAL A 188 -17.76 10.02 -0.47
N ALA A 189 -18.24 8.78 -0.48
CA ALA A 189 -18.75 8.19 -1.72
C ALA A 189 -20.27 8.15 -1.70
N GLN A 190 -20.87 8.67 -0.63
CA GLN A 190 -22.34 8.65 -0.48
C GLN A 190 -22.89 10.02 -0.77
N PRO A 191 -24.11 10.09 -1.31
CA PRO A 191 -24.79 11.37 -1.45
C PRO A 191 -25.01 11.94 -0.06
N GLU A 192 -24.86 13.26 0.07
CA GLU A 192 -24.90 13.88 1.39
C GLU A 192 -26.18 13.58 2.17
N SER A 193 -27.28 13.32 1.47
CA SER A 193 -28.56 13.04 2.12
C SER A 193 -28.58 11.71 2.88
N GLU A 194 -27.64 10.83 2.55
CA GLU A 194 -27.56 9.51 3.19
C GLU A 194 -26.57 9.49 4.35
N VAL A 195 -26.10 10.67 4.75
CA VAL A 195 -25.01 10.76 5.72
C VAL A 195 -25.48 11.47 6.97
N PRO A 196 -25.11 10.96 8.15
CA PRO A 196 -25.46 11.64 9.41
C PRO A 196 -24.93 13.07 9.49
N ASP A 197 -25.70 13.95 10.09
CA ASP A 197 -25.33 15.36 10.23
C ASP A 197 -23.93 15.54 10.80
N PHE A 198 -23.60 14.79 11.85
CA PHE A 198 -22.32 14.99 12.52
C PHE A 198 -21.13 14.58 11.66
N MET A 199 -21.40 13.85 10.57
CA MET A 199 -20.35 13.38 9.67
C MET A 199 -20.11 14.32 8.48
N LYS A 200 -21.01 15.28 8.28
CA LYS A 200 -20.99 16.06 7.04
C LYS A 200 -19.82 17.03 6.86
N GLU A 201 -19.34 17.64 7.94
CA GLU A 201 -18.25 18.61 7.82
C GLU A 201 -16.97 17.92 7.36
N ASN A 202 -16.61 16.83 8.01
CA ASN A 202 -15.39 16.09 7.66
C ASN A 202 -15.54 15.32 6.36
N ARG A 203 -16.76 14.91 6.04
CA ARG A 203 -16.99 14.29 4.73
C ARG A 203 -16.55 15.27 3.63
N GLU A 204 -17.02 16.51 3.73
CA GLU A 204 -16.68 17.52 2.73
C GLU A 204 -15.19 17.86 2.76
N ALA A 205 -14.63 17.98 3.97
CA ALA A 205 -13.21 18.31 4.11
C ALA A 205 -12.36 17.24 3.44
N VAL A 206 -12.75 15.98 3.62
CA VAL A 206 -11.95 14.89 3.04
C VAL A 206 -12.17 14.79 1.54
N ILE A 207 -13.39 15.04 1.08
CA ILE A 207 -13.65 15.09 -0.36
C ILE A 207 -12.73 16.13 -1.02
N GLU A 208 -12.66 17.32 -0.44
CA GLU A 208 -11.82 18.36 -1.00
C GLU A 208 -10.32 18.02 -0.89
N LEU A 209 -9.91 17.42 0.22
CA LEU A 209 -8.52 17.02 0.34
C LEU A 209 -8.17 16.00 -0.75
N ASN A 210 -9.04 15.01 -0.94
CA ASN A 210 -8.76 13.99 -1.93
C ASN A 210 -8.65 14.57 -3.33
N LYS A 211 -9.52 15.53 -3.67
CA LYS A 211 -9.45 16.21 -4.96
C LYS A 211 -8.14 16.96 -5.12
N LEU A 212 -7.71 17.61 -4.05
CA LEU A 212 -6.48 18.37 -4.11
C LEU A 212 -5.27 17.45 -4.34
N LEU A 213 -5.14 16.40 -3.54
CA LEU A 213 -4.06 15.45 -3.72
C LEU A 213 -4.06 14.80 -5.10
N ALA A 214 -5.24 14.41 -5.58
CA ALA A 214 -5.34 13.79 -6.92
C ALA A 214 -4.85 14.68 -8.04
N ALA A 215 -5.00 15.99 -7.88
CA ALA A 215 -4.69 16.94 -8.94
C ALA A 215 -3.33 17.61 -8.77
N ASP A 216 -2.63 17.31 -7.67
CA ASP A 216 -1.39 17.98 -7.33
C ASP A 216 -0.23 17.42 -8.14
N PRO A 217 0.32 18.23 -9.07
CA PRO A 217 1.42 17.73 -9.90
C PRO A 217 2.74 17.47 -9.15
N ARG A 218 2.84 17.96 -7.91
CA ARG A 218 4.07 17.84 -7.14
C ARG A 218 4.23 16.46 -6.50
N ILE A 219 3.21 15.62 -6.58
CA ILE A 219 3.24 14.32 -5.92
C ILE A 219 2.72 13.19 -6.79
N GLU A 220 3.14 11.98 -6.45
CA GLU A 220 2.51 10.74 -6.90
C GLU A 220 1.75 10.19 -5.69
N ILE A 221 0.60 9.57 -5.90
CA ILE A 221 -0.22 9.12 -4.79
C ILE A 221 -0.69 7.69 -4.91
N VAL A 222 -1.10 7.13 -3.77
CA VAL A 222 -1.90 5.92 -3.74
C VAL A 222 -2.94 6.04 -2.62
N HIS A 223 -4.20 5.84 -2.97
CA HIS A 223 -5.37 6.07 -2.11
C HIS A 223 -5.96 4.72 -1.77
N LEU A 224 -5.78 4.30 -0.52
CA LEU A 224 -6.05 2.91 -0.14
C LEU A 224 -7.15 2.71 0.90
N PRO A 225 -8.01 1.71 0.67
CA PRO A 225 -9.07 1.43 1.64
C PRO A 225 -8.60 0.54 2.80
N LEU A 226 -7.65 1.08 3.58
CA LEU A 226 -7.17 0.43 4.79
C LEU A 226 -7.68 1.23 5.97
N GLY A 227 -8.32 0.56 6.92
CA GLY A 227 -8.88 1.26 8.07
C GLY A 227 -9.99 2.20 7.63
N ASP A 228 -9.78 3.49 7.79
CA ASP A 228 -10.74 4.49 7.35
C ASP A 228 -10.28 5.20 6.07
N GLY A 229 -9.40 4.55 5.33
CA GLY A 229 -8.78 5.15 4.14
C GLY A 229 -7.45 5.81 4.53
N ILE A 230 -6.38 5.52 3.78
CA ILE A 230 -5.10 6.20 3.98
C ILE A 230 -4.49 6.47 2.61
N THR A 231 -3.97 7.69 2.44
CA THR A 231 -3.36 8.07 1.18
C THR A 231 -1.88 8.37 1.39
N PHE A 232 -1.03 7.68 0.64
CA PHE A 232 0.41 7.95 0.67
C PHE A 232 0.79 8.77 -0.55
N CYS A 233 1.64 9.77 -0.33
CA CYS A 233 2.12 10.67 -1.39
C CYS A 233 3.63 10.66 -1.41
N ARG A 234 4.22 10.71 -2.61
N ARG A 234 4.21 10.68 -2.60
CA ARG A 234 5.67 10.87 -2.73
CA ARG A 234 5.64 10.90 -2.74
C ARG A 234 5.96 12.18 -3.44
C ARG A 234 5.88 12.24 -3.40
N ARG A 235 6.76 13.03 -2.80
CA ARG A 235 7.10 14.34 -3.36
C ARG A 235 8.04 14.19 -4.55
N LEU A 236 7.64 14.76 -5.69
CA LEU A 236 8.39 14.61 -6.95
C LEU A 236 9.47 15.67 -7.17
N TYR A 237 9.17 16.89 -6.75
CA TYR A 237 10.13 17.99 -6.84
C TYR A 237 9.71 19.05 -5.83
N GLY B 13 -17.34 -6.68 -5.19
CA GLY B 13 -15.89 -6.55 -4.87
C GLY B 13 -15.61 -6.77 -3.40
N LEU B 14 -14.44 -6.32 -2.94
CA LEU B 14 -14.08 -6.53 -1.55
C LEU B 14 -14.52 -5.40 -0.63
N LEU B 15 -14.96 -4.27 -1.18
CA LEU B 15 -15.38 -3.16 -0.30
C LEU B 15 -16.86 -3.23 0.05
N GLN B 16 -17.26 -2.40 1.01
CA GLN B 16 -18.63 -2.36 1.50
C GLN B 16 -19.63 -2.01 0.41
N SER B 17 -19.17 -1.31 -0.62
CA SER B 17 -20.03 -0.92 -1.75
C SER B 17 -19.25 -0.69 -3.02
N GLU B 18 -19.90 -0.98 -4.14
CA GLU B 18 -19.34 -0.72 -5.44
C GLU B 18 -19.16 0.78 -5.61
N GLU B 19 -20.06 1.56 -5.04
CA GLU B 19 -19.95 3.01 -5.12
C GLU B 19 -18.63 3.52 -4.48
N LEU B 20 -18.26 2.94 -3.35
CA LEU B 20 -16.98 3.30 -2.72
C LEU B 20 -15.79 2.98 -3.61
N CYS B 21 -15.77 1.78 -4.19
CA CYS B 21 -14.72 1.41 -5.11
C CYS B 21 -14.66 2.38 -6.27
N GLN B 22 -15.82 2.68 -6.86
CA GLN B 22 -15.84 3.59 -8.01
C GLN B 22 -15.36 5.00 -7.63
N TYR B 23 -15.73 5.45 -6.43
CA TYR B 23 -15.24 6.73 -5.92
C TYR B 23 -13.72 6.77 -5.86
N ILE B 24 -13.09 5.73 -5.30
CA ILE B 24 -11.62 5.71 -5.25
C ILE B 24 -11.03 5.73 -6.66
N LEU B 25 -11.57 4.92 -7.55
CA LEU B 25 -11.02 4.84 -8.91
C LEU B 25 -11.16 6.17 -9.63
N ARG B 26 -12.34 6.78 -9.56
CA ARG B 26 -12.56 8.04 -10.25
C ARG B 26 -11.77 9.20 -9.64
N THR B 27 -11.66 9.21 -8.33
CA THR B 27 -11.03 10.32 -7.65
C THR B 27 -9.53 10.29 -7.79
N SER B 28 -8.93 9.10 -7.62
CA SER B 28 -7.50 9.01 -7.35
C SER B 28 -6.73 8.12 -8.31
N VAL B 29 -7.42 7.23 -9.01
CA VAL B 29 -6.70 6.26 -9.85
C VAL B 29 -6.78 6.63 -11.33
N TYR B 30 -8.01 6.69 -11.86
CA TYR B 30 -8.19 6.98 -13.28
C TYR B 30 -7.55 8.30 -13.78
N PRO B 31 -7.60 9.39 -12.99
CA PRO B 31 -7.01 10.67 -13.45
C PRO B 31 -5.50 10.63 -13.61
N ARG B 32 -4.88 9.61 -13.01
CA ARG B 32 -3.44 9.49 -13.00
C ARG B 32 -2.98 8.27 -13.80
N GLU B 33 -3.95 7.54 -14.37
CA GLU B 33 -3.64 6.34 -15.13
C GLU B 33 -3.21 6.72 -16.55
N ALA B 34 -2.09 6.15 -16.99
CA ALA B 34 -1.57 6.41 -18.33
C ALA B 34 -2.64 6.11 -19.36
N GLY B 35 -2.71 6.94 -20.40
CA GLY B 35 -3.68 6.75 -21.47
C GLY B 35 -3.57 5.38 -22.12
N PHE B 36 -2.35 4.92 -22.35
CA PHE B 36 -2.12 3.61 -22.94
C PHE B 36 -2.64 2.46 -22.09
N LEU B 37 -2.53 2.59 -20.77
CA LEU B 37 -3.13 1.61 -19.85
C LEU B 37 -4.64 1.58 -19.96
N LYS B 38 -5.26 2.76 -20.04
CA LYS B 38 -6.70 2.82 -20.25
C LYS B 38 -7.05 2.10 -21.51
N GLU B 39 -6.30 2.37 -22.57
CA GLU B 39 -6.57 1.77 -23.87
C GLU B 39 -6.46 0.27 -23.77
N LEU B 40 -5.45 -0.22 -23.04
CA LEU B 40 -5.27 -1.65 -22.93
C LEU B 40 -6.43 -2.20 -22.12
N ARG B 41 -6.78 -1.51 -21.04
CA ARG B 41 -7.86 -1.97 -20.18
C ARG B 41 -9.18 -2.05 -20.97
N GLU B 42 -9.38 -1.13 -21.91
CA GLU B 42 -10.56 -1.16 -22.79
C GLU B 42 -10.54 -2.30 -23.80
N ALA B 43 -9.40 -2.52 -24.46
CA ALA B 43 -9.24 -3.67 -25.33
C ALA B 43 -9.52 -4.96 -24.54
N ASN B 44 -8.95 -5.06 -23.35
CA ASN B 44 -9.16 -6.22 -22.49
C ASN B 44 -10.64 -6.59 -22.28
N GLU B 45 -11.51 -5.57 -22.26
CA GLU B 45 -12.94 -5.76 -21.98
C GLU B 45 -13.62 -6.71 -22.96
N SER B 46 -13.10 -6.77 -24.18
CA SER B 46 -13.68 -7.63 -25.20
C SER B 46 -13.32 -9.10 -24.99
N HIS B 47 -12.34 -9.37 -24.13
CA HIS B 47 -11.92 -10.76 -23.82
C HIS B 47 -12.95 -11.50 -22.95
N PRO B 48 -13.17 -12.79 -23.24
CA PRO B 48 -14.10 -13.60 -22.43
C PRO B 48 -13.67 -13.73 -20.97
N ASP B 49 -12.37 -13.67 -20.71
CA ASP B 49 -11.86 -13.71 -19.32
C ASP B 49 -11.27 -12.36 -18.87
N SER B 50 -11.89 -11.26 -19.30
CA SER B 50 -11.45 -9.91 -18.94
C SER B 50 -11.24 -9.68 -17.45
N TYR B 51 -11.99 -10.41 -16.63
CA TYR B 51 -11.97 -10.22 -15.18
C TYR B 51 -10.57 -10.53 -14.61
N MET B 52 -9.74 -11.19 -15.42
CA MET B 52 -8.42 -11.56 -14.94
C MET B 52 -7.41 -10.40 -14.95
N SER B 53 -7.74 -9.30 -15.63
CA SER B 53 -6.85 -8.16 -15.70
C SER B 53 -6.64 -7.52 -14.32
N THR B 54 -5.43 -7.09 -14.05
CA THR B 54 -5.09 -6.59 -12.72
C THR B 54 -5.87 -5.31 -12.37
N SER B 55 -6.39 -5.28 -11.15
CA SER B 55 -7.02 -4.11 -10.55
C SER B 55 -6.19 -2.84 -10.74
N PRO B 56 -6.80 -1.79 -11.32
CA PRO B 56 -6.05 -0.52 -11.44
C PRO B 56 -5.61 0.02 -10.10
N LEU B 57 -6.36 -0.24 -9.05
CA LEU B 57 -5.98 0.23 -7.71
C LEU B 57 -4.75 -0.53 -7.22
N ALA B 58 -4.79 -1.86 -7.34
CA ALA B 58 -3.61 -2.65 -7.01
C ALA B 58 -2.43 -2.19 -7.86
N GLY B 59 -2.69 -1.87 -9.13
CA GLY B 59 -1.65 -1.37 -10.02
C GLY B 59 -1.02 -0.06 -9.53
N GLN B 60 -1.85 0.84 -9.03
CA GLN B 60 -1.36 2.12 -8.52
C GLN B 60 -0.40 1.91 -7.35
N LEU B 61 -0.67 0.95 -6.49
CA LEU B 61 0.26 0.67 -5.41
C LEU B 61 1.54 0.02 -5.94
N MET B 62 1.41 -0.89 -6.91
CA MET B 62 2.60 -1.48 -7.55
C MET B 62 3.51 -0.40 -8.12
N SER B 63 2.93 0.54 -8.84
CA SER B 63 3.69 1.65 -9.41
C SER B 63 4.40 2.46 -8.32
N PHE B 64 3.65 2.80 -7.28
CA PHE B 64 4.18 3.57 -6.15
C PHE B 64 5.41 2.86 -5.56
N VAL B 65 5.26 1.56 -5.30
CA VAL B 65 6.31 0.76 -4.72
C VAL B 65 7.52 0.67 -5.67
N LEU B 66 7.26 0.41 -6.95
CA LEU B 66 8.34 0.34 -7.93
C LEU B 66 9.18 1.61 -7.94
N LYS B 67 8.51 2.75 -7.88
CA LYS B 67 9.21 4.05 -7.88
C LYS B 67 9.96 4.32 -6.58
N LEU B 68 9.34 3.98 -5.45
CA LEU B 68 9.97 4.13 -4.15
C LEU B 68 11.32 3.43 -4.07
N VAL B 69 11.39 2.23 -4.63
CA VAL B 69 12.61 1.41 -4.55
C VAL B 69 13.51 1.58 -5.78
N ASN B 70 13.08 2.45 -6.72
CA ASN B 70 13.84 2.65 -7.96
C ASN B 70 14.15 1.31 -8.60
N ALA B 71 13.12 0.47 -8.68
CA ALA B 71 13.22 -0.85 -9.31
C ALA B 71 13.65 -0.67 -10.77
N LYS B 72 14.56 -1.53 -11.23
CA LYS B 72 15.02 -1.46 -12.61
C LYS B 72 14.86 -2.81 -13.32
N LYS B 73 15.18 -3.90 -12.62
CA LYS B 73 15.02 -5.24 -13.17
C LYS B 73 13.88 -5.94 -12.46
N THR B 74 12.84 -6.33 -13.20
CA THR B 74 11.70 -6.97 -12.59
C THR B 74 11.28 -8.21 -13.33
N ILE B 75 10.46 -9.01 -12.66
CA ILE B 75 9.92 -10.23 -13.23
C ILE B 75 8.43 -10.33 -12.95
N GLU B 76 7.69 -10.78 -13.97
CA GLU B 76 6.25 -11.02 -13.83
C GLU B 76 5.95 -12.41 -14.29
N VAL B 77 5.26 -13.15 -13.43
CA VAL B 77 4.77 -14.48 -13.73
C VAL B 77 3.24 -14.42 -13.84
N GLY B 78 2.72 -14.51 -15.06
CA GLY B 78 1.28 -14.39 -15.31
C GLY B 78 1.00 -13.03 -15.92
N VAL B 79 0.99 -12.99 -17.25
CA VAL B 79 0.91 -11.76 -18.03
C VAL B 79 -0.47 -11.48 -18.59
N PHE B 80 -1.12 -12.56 -19.05
CA PHE B 80 -2.47 -12.44 -19.62
C PHE B 80 -2.44 -11.33 -20.70
N THR B 81 -3.38 -10.40 -20.67
CA THR B 81 -3.48 -9.36 -21.71
C THR B 81 -2.59 -8.14 -21.46
N GLY B 82 -1.89 -8.12 -20.32
CA GLY B 82 -0.75 -7.21 -20.17
C GLY B 82 -0.88 -5.99 -19.29
N TYR B 83 -1.99 -5.84 -18.58
CA TYR B 83 -2.18 -4.60 -17.80
C TYR B 83 -1.07 -4.40 -16.77
N SER B 84 -0.83 -5.40 -15.93
CA SER B 84 0.23 -5.22 -14.92
C SER B 84 1.61 -5.09 -15.54
N LEU B 85 1.80 -5.78 -16.66
CA LEU B 85 3.08 -5.71 -17.36
C LEU B 85 3.33 -4.31 -17.90
N LEU B 86 2.33 -3.71 -18.56
CA LEU B 86 2.50 -2.36 -19.10
C LEU B 86 2.63 -1.33 -17.97
N LEU B 87 1.85 -1.49 -16.92
CA LEU B 87 1.95 -0.60 -15.77
C LEU B 87 3.37 -0.64 -15.22
N THR B 88 3.94 -1.83 -15.12
CA THR B 88 5.29 -1.99 -14.61
C THR B 88 6.32 -1.33 -15.54
N ALA B 89 6.19 -1.58 -16.84
CA ALA B 89 7.10 -0.98 -17.81
C ALA B 89 7.04 0.55 -17.79
N LEU B 90 5.87 1.11 -17.59
CA LEU B 90 5.73 2.56 -17.50
C LEU B 90 6.27 3.16 -16.23
N SER B 91 6.42 2.33 -15.19
CA SER B 91 6.80 2.81 -13.89
C SER B 91 8.32 2.86 -13.75
N ILE B 92 9.00 1.90 -14.36
CA ILE B 92 10.47 1.81 -14.23
C ILE B 92 11.20 2.69 -15.26
N PRO B 93 12.49 2.96 -15.02
CA PRO B 93 13.26 3.85 -15.89
C PRO B 93 13.39 3.37 -17.33
N ASP B 94 13.87 4.27 -18.20
CA ASP B 94 14.02 3.92 -19.61
C ASP B 94 14.85 2.66 -19.82
N ASP B 95 15.87 2.48 -18.96
CA ASP B 95 16.75 1.32 -19.04
C ASP B 95 16.28 0.11 -18.22
N GLY B 96 15.06 0.17 -17.70
CA GLY B 96 14.49 -0.97 -16.95
C GLY B 96 14.27 -2.19 -17.83
N LYS B 97 14.38 -3.38 -17.24
CA LYS B 97 14.19 -4.62 -17.98
C LYS B 97 13.25 -5.58 -17.22
N ILE B 98 12.26 -6.10 -17.92
CA ILE B 98 11.25 -6.97 -17.32
C ILE B 98 11.30 -8.33 -17.97
N THR B 99 11.31 -9.38 -17.15
CA THR B 99 11.19 -10.74 -17.61
C THR B 99 9.73 -11.15 -17.40
N ALA B 100 9.00 -11.41 -18.48
CA ALA B 100 7.56 -11.63 -18.41
C ALA B 100 7.25 -13.03 -18.91
N ILE B 101 6.68 -13.86 -18.03
CA ILE B 101 6.45 -15.29 -18.28
C ILE B 101 4.96 -15.62 -18.31
N ASP B 102 4.53 -16.30 -19.37
CA ASP B 102 3.17 -16.78 -19.49
C ASP B 102 3.18 -17.86 -20.56
N PHE B 103 2.31 -18.85 -20.44
CA PHE B 103 2.20 -19.83 -21.52
C PHE B 103 1.17 -19.46 -22.60
N ASP B 104 0.56 -18.28 -22.46
CA ASP B 104 -0.51 -17.85 -23.38
C ASP B 104 -0.08 -16.64 -24.20
N ARG B 105 0.44 -16.91 -25.39
CA ARG B 105 0.91 -15.87 -26.30
C ARG B 105 -0.25 -15.08 -26.91
N GLU B 106 -1.38 -15.76 -27.15
CA GLU B 106 -2.55 -15.10 -27.74
C GLU B 106 -3.05 -13.97 -26.85
N ALA B 107 -3.10 -14.22 -25.55
CA ALA B 107 -3.53 -13.19 -24.60
C ALA B 107 -2.58 -12.00 -24.59
N TYR B 108 -1.28 -12.29 -24.59
CA TYR B 108 -0.27 -11.25 -24.63
C TYR B 108 -0.45 -10.34 -25.86
N GLU B 109 -0.76 -10.95 -27.00
CA GLU B 109 -0.98 -10.21 -28.24
C GLU B 109 -2.16 -9.25 -28.21
N ILE B 110 -3.03 -9.40 -27.22
N ILE B 110 -3.06 -9.42 -27.24
CA ILE B 110 -4.13 -8.47 -27.04
CA ILE B 110 -4.13 -8.46 -27.05
C ILE B 110 -3.66 -7.12 -26.50
C ILE B 110 -3.57 -7.11 -26.59
N GLY B 111 -2.66 -7.16 -25.61
CA GLY B 111 -2.09 -5.92 -25.04
C GLY B 111 -0.84 -5.42 -25.72
N LEU B 112 -0.17 -6.28 -26.47
CA LEU B 112 1.07 -5.88 -27.12
C LEU B 112 1.00 -4.57 -27.94
N PRO B 113 -0.10 -4.33 -28.69
CA PRO B 113 -0.18 -3.09 -29.46
C PRO B 113 -0.07 -1.85 -28.57
N PHE B 114 -0.61 -1.92 -27.35
CA PHE B 114 -0.58 -0.78 -26.46
C PHE B 114 0.79 -0.59 -25.81
N ILE B 115 1.46 -1.71 -25.54
CA ILE B 115 2.83 -1.69 -25.09
C ILE B 115 3.72 -1.01 -26.14
N ARG B 116 3.47 -1.30 -27.40
CA ARG B 116 4.24 -0.70 -28.50
C ARG B 116 3.98 0.81 -28.63
N LYS B 117 2.71 1.20 -28.62
CA LYS B 117 2.35 2.61 -28.71
C LYS B 117 2.90 3.41 -27.54
N ALA B 118 3.04 2.76 -26.40
CA ALA B 118 3.55 3.43 -25.21
C ALA B 118 5.05 3.62 -25.26
N GLY B 119 5.70 2.99 -26.24
CA GLY B 119 7.14 3.11 -26.43
C GLY B 119 7.98 2.31 -25.45
N VAL B 120 7.42 1.25 -24.87
CA VAL B 120 8.14 0.48 -23.87
C VAL B 120 8.35 -1.02 -24.20
N GLU B 121 8.06 -1.46 -25.42
CA GLU B 121 8.29 -2.87 -25.76
C GLU B 121 9.74 -3.27 -25.52
N HIS B 122 10.66 -2.31 -25.71
CA HIS B 122 12.10 -2.58 -25.58
C HIS B 122 12.48 -3.08 -24.20
N LYS B 123 11.62 -2.80 -23.23
CA LYS B 123 11.88 -3.19 -21.85
C LYS B 123 11.50 -4.63 -21.52
N ILE B 124 10.75 -5.27 -22.42
CA ILE B 124 10.08 -6.51 -22.09
C ILE B 124 10.65 -7.71 -22.82
N ASN B 125 10.99 -8.74 -22.06
CA ASN B 125 11.35 -10.04 -22.60
C ASN B 125 10.24 -11.01 -22.29
N PHE B 126 9.39 -11.27 -23.26
CA PHE B 126 8.28 -12.19 -23.05
C PHE B 126 8.76 -13.61 -23.30
N ILE B 127 8.60 -14.44 -22.28
CA ILE B 127 9.03 -15.83 -22.31
C ILE B 127 7.78 -16.70 -22.33
N GLU B 128 7.50 -17.31 -23.48
CA GLU B 128 6.35 -18.17 -23.64
C GLU B 128 6.72 -19.56 -23.14
N SER B 129 6.22 -19.90 -21.96
CA SER B 129 6.67 -21.10 -21.26
C SER B 129 5.80 -21.42 -20.06
N ASP B 130 5.80 -22.70 -19.67
CA ASP B 130 5.36 -23.05 -18.35
C ASP B 130 6.18 -22.25 -17.36
N ALA B 131 5.53 -21.73 -16.32
CA ALA B 131 6.22 -20.84 -15.40
C ALA B 131 7.31 -21.54 -14.59
N MET B 132 7.00 -22.74 -14.06
CA MET B 132 8.02 -23.39 -13.25
C MET B 132 9.28 -23.68 -14.07
N LEU B 133 9.09 -24.15 -15.29
CA LEU B 133 10.24 -24.41 -16.16
C LEU B 133 11.06 -23.15 -16.39
N ALA B 134 10.37 -22.06 -16.68
CA ALA B 134 11.05 -20.78 -16.94
C ALA B 134 11.82 -20.30 -15.72
N LEU B 135 11.19 -20.36 -14.56
CA LEU B 135 11.85 -19.88 -13.35
C LEU B 135 13.08 -20.75 -13.00
N ASP B 136 12.91 -22.07 -13.09
CA ASP B 136 14.04 -22.94 -12.78
C ASP B 136 15.17 -22.79 -13.80
N ASN B 137 14.79 -22.58 -15.06
CA ASN B 137 15.77 -22.31 -16.10
C ASN B 137 16.56 -21.03 -15.81
N LEU B 138 15.89 -19.97 -15.38
CA LEU B 138 16.56 -18.73 -15.04
C LEU B 138 17.58 -18.93 -13.90
N LEU B 139 17.24 -19.81 -12.96
CA LEU B 139 18.10 -20.05 -11.80
C LEU B 139 19.34 -20.87 -12.11
N GLN B 140 19.46 -21.31 -13.36
CA GLN B 140 20.72 -21.90 -13.82
C GLN B 140 21.70 -20.77 -14.15
N GLY B 141 22.93 -20.89 -13.68
CA GLY B 141 23.92 -19.83 -13.92
C GLY B 141 23.78 -18.68 -12.93
N GLN B 142 24.47 -17.58 -13.19
CA GLN B 142 24.60 -16.51 -12.20
C GLN B 142 23.94 -15.19 -12.57
N GLU B 143 23.45 -15.06 -13.80
CA GLU B 143 22.91 -13.77 -14.22
C GLU B 143 21.51 -13.45 -13.70
N SER B 144 20.79 -14.45 -13.20
CA SER B 144 19.43 -14.19 -12.72
C SER B 144 19.28 -14.22 -11.19
N GLU B 145 19.86 -15.22 -10.54
CA GLU B 145 19.71 -15.37 -9.09
C GLU B 145 20.09 -14.10 -8.35
N GLY B 146 19.22 -13.66 -7.43
CA GLY B 146 19.50 -12.47 -6.63
C GLY B 146 19.61 -11.16 -7.41
N SER B 147 19.09 -11.15 -8.64
CA SER B 147 19.24 -9.99 -9.51
C SER B 147 18.02 -9.09 -9.67
N TYR B 148 16.85 -9.58 -9.27
CA TYR B 148 15.62 -8.85 -9.54
C TYR B 148 15.27 -7.92 -8.39
N ASP B 149 14.79 -6.73 -8.74
CA ASP B 149 14.36 -5.74 -7.76
C ASP B 149 12.95 -5.96 -7.24
N PHE B 150 12.12 -6.58 -8.08
CA PHE B 150 10.68 -6.68 -7.85
C PHE B 150 10.20 -7.89 -8.64
N GLY B 151 9.29 -8.65 -8.04
CA GLY B 151 8.63 -9.74 -8.74
C GLY B 151 7.14 -9.65 -8.50
N PHE B 152 6.38 -9.98 -9.53
CA PHE B 152 4.92 -10.06 -9.41
C PHE B 152 4.47 -11.46 -9.80
N VAL B 153 3.88 -12.17 -8.84
CA VAL B 153 3.36 -13.52 -9.07
C VAL B 153 1.85 -13.45 -9.20
N ASP B 154 1.35 -13.76 -10.40
CA ASP B 154 -0.06 -13.65 -10.70
C ASP B 154 -0.47 -14.71 -11.72
N ALA B 155 0.07 -15.92 -11.59
CA ALA B 155 -0.25 -16.99 -12.52
C ALA B 155 -1.24 -17.96 -11.86
N ASP B 156 -0.97 -19.25 -11.95
CA ASP B 156 -1.89 -20.27 -11.43
C ASP B 156 -1.76 -20.37 -9.92
N LYS B 157 -2.86 -20.08 -9.20
CA LYS B 157 -2.78 -19.95 -7.74
C LYS B 157 -2.30 -21.21 -7.00
N PRO B 158 -2.69 -22.42 -7.48
CA PRO B 158 -2.19 -23.60 -6.76
C PRO B 158 -0.66 -23.75 -6.76
N ASN B 159 0.02 -23.03 -7.65
CA ASN B 159 1.46 -23.09 -7.71
C ASN B 159 2.16 -21.93 -7.00
N TYR B 160 1.41 -21.01 -6.40
CA TYR B 160 2.05 -19.85 -5.73
C TYR B 160 3.13 -20.23 -4.71
N ILE B 161 2.88 -21.25 -3.90
CA ILE B 161 3.88 -21.59 -2.88
C ILE B 161 5.19 -22.03 -3.53
N LYS B 162 5.07 -22.83 -4.59
CA LYS B 162 6.27 -23.25 -5.31
C LYS B 162 6.97 -22.06 -5.97
N TYR B 163 6.21 -21.12 -6.51
CA TYR B 163 6.79 -19.92 -7.12
C TYR B 163 7.52 -19.11 -6.07
N HIS B 164 6.95 -19.00 -4.88
CA HIS B 164 7.57 -18.28 -3.76
C HIS B 164 9.00 -18.79 -3.53
N GLU B 165 9.20 -20.10 -3.59
CA GLU B 165 10.55 -20.64 -3.39
C GLU B 165 11.52 -20.07 -4.42
N ARG B 166 11.08 -19.98 -5.67
CA ARG B 166 11.93 -19.45 -6.75
C ARG B 166 12.11 -17.94 -6.66
N LEU B 167 11.02 -17.21 -6.43
CA LEU B 167 11.09 -15.76 -6.30
C LEU B 167 11.99 -15.33 -5.16
N MET B 168 12.04 -16.12 -4.10
CA MET B 168 12.89 -15.80 -2.97
C MET B 168 14.37 -16.03 -3.23
N LYS B 169 14.68 -16.63 -4.37
CA LYS B 169 16.06 -16.75 -4.87
C LYS B 169 16.33 -15.72 -5.97
N LEU B 170 15.32 -15.47 -6.81
CA LEU B 170 15.45 -14.53 -7.94
C LEU B 170 15.52 -13.06 -7.53
N VAL B 171 14.68 -12.68 -6.58
CA VAL B 171 14.65 -11.31 -6.11
C VAL B 171 15.74 -11.12 -5.07
N LYS B 172 16.45 -10.00 -5.16
CA LYS B 172 17.55 -9.71 -4.27
C LYS B 172 17.08 -9.53 -2.83
N VAL B 173 18.00 -9.69 -1.89
CA VAL B 173 17.73 -9.30 -0.54
C VAL B 173 17.39 -7.83 -0.49
N GLY B 174 16.27 -7.54 0.17
CA GLY B 174 15.73 -6.19 0.20
C GLY B 174 14.75 -5.89 -0.92
N GLY B 175 14.71 -6.77 -1.92
CA GLY B 175 13.72 -6.63 -3.00
C GLY B 175 12.31 -7.04 -2.60
N ILE B 176 11.38 -6.82 -3.51
CA ILE B 176 9.97 -6.99 -3.24
C ILE B 176 9.39 -8.10 -4.11
N VAL B 177 8.55 -8.94 -3.51
CA VAL B 177 7.74 -9.87 -4.27
C VAL B 177 6.27 -9.63 -3.90
N ALA B 178 5.41 -9.48 -4.91
CA ALA B 178 3.99 -9.26 -4.69
C ALA B 178 3.19 -10.40 -5.31
N TYR B 179 2.18 -10.86 -4.56
CA TYR B 179 1.27 -11.93 -4.99
C TYR B 179 -0.12 -11.36 -5.15
N ASP B 180 -0.74 -11.59 -6.30
CA ASP B 180 -2.09 -11.09 -6.54
C ASP B 180 -3.14 -12.15 -6.18
N ASN B 181 -4.37 -11.69 -5.92
CA ASN B 181 -5.55 -12.55 -5.71
C ASN B 181 -5.51 -13.23 -4.36
N THR B 182 -4.86 -12.60 -3.40
CA THR B 182 -4.64 -13.24 -2.08
C THR B 182 -5.84 -13.13 -1.15
N LEU B 183 -6.95 -12.60 -1.65
CA LEU B 183 -8.21 -12.77 -0.90
C LEU B 183 -9.27 -13.56 -1.66
N TRP B 184 -8.93 -13.94 -2.89
CA TRP B 184 -9.77 -14.78 -3.76
C TRP B 184 -11.29 -14.57 -3.57
N GLY B 185 -11.76 -13.38 -3.96
CA GLY B 185 -13.19 -13.11 -4.02
C GLY B 185 -13.82 -12.95 -2.65
N GLY B 186 -12.98 -12.81 -1.63
CA GLY B 186 -13.46 -12.82 -0.25
C GLY B 186 -13.65 -14.22 0.30
N THR B 187 -13.55 -15.23 -0.57
CA THR B 187 -13.95 -16.60 -0.17
C THR B 187 -13.05 -17.20 0.89
N VAL B 188 -11.81 -16.70 0.98
CA VAL B 188 -10.86 -17.25 1.93
C VAL B 188 -11.29 -17.04 3.38
N ALA B 189 -12.17 -16.08 3.62
CA ALA B 189 -12.66 -15.78 4.97
C ALA B 189 -13.98 -16.45 5.30
N GLN B 190 -14.63 -17.02 4.27
CA GLN B 190 -15.97 -17.54 4.42
C GLN B 190 -15.95 -19.00 4.81
N PRO B 191 -17.00 -19.44 5.52
CA PRO B 191 -17.11 -20.86 5.75
C PRO B 191 -17.15 -21.56 4.39
N GLU B 192 -16.49 -22.70 4.28
CA GLU B 192 -16.31 -23.36 2.99
C GLU B 192 -17.63 -23.72 2.32
N SER B 193 -18.64 -24.01 3.12
CA SER B 193 -19.93 -24.45 2.58
C SER B 193 -20.63 -23.34 1.80
N GLU B 194 -20.29 -22.08 2.08
CA GLU B 194 -20.92 -20.94 1.41
C GLU B 194 -20.29 -20.63 0.04
N VAL B 195 -19.22 -21.32 -0.28
CA VAL B 195 -18.40 -20.98 -1.44
C VAL B 195 -18.77 -21.80 -2.68
N PRO B 196 -19.06 -21.13 -3.79
CA PRO B 196 -19.37 -21.82 -5.06
C PRO B 196 -18.29 -22.83 -5.43
N ASP B 197 -18.68 -23.98 -5.99
CA ASP B 197 -17.72 -25.02 -6.34
C ASP B 197 -16.54 -24.50 -7.16
N PHE B 198 -16.82 -23.65 -8.15
CA PHE B 198 -15.78 -23.18 -9.05
C PHE B 198 -14.70 -22.37 -8.35
N MET B 199 -15.00 -21.86 -7.16
CA MET B 199 -14.05 -21.03 -6.40
C MET B 199 -13.24 -21.82 -5.36
N LYS B 200 -13.62 -23.06 -5.09
CA LYS B 200 -13.03 -23.79 -3.95
C LYS B 200 -11.54 -24.14 -4.08
N GLU B 201 -11.11 -24.53 -5.26
CA GLU B 201 -9.75 -24.97 -5.47
C GLU B 201 -8.78 -23.84 -5.17
N ASN B 202 -9.01 -22.68 -5.76
CA ASN B 202 -8.15 -21.54 -5.49
C ASN B 202 -8.33 -20.98 -4.08
N ARG B 203 -9.53 -21.12 -3.51
CA ARG B 203 -9.75 -20.73 -2.12
C ARG B 203 -8.76 -21.46 -1.21
N GLU B 204 -8.68 -22.78 -1.36
CA GLU B 204 -7.78 -23.61 -0.58
C GLU B 204 -6.31 -23.23 -0.82
N ALA B 205 -5.96 -23.03 -2.08
CA ALA B 205 -4.58 -22.67 -2.42
C ALA B 205 -4.17 -21.34 -1.81
N VAL B 206 -5.08 -20.38 -1.85
CA VAL B 206 -4.79 -19.05 -1.36
C VAL B 206 -4.73 -19.02 0.17
N ILE B 207 -5.63 -19.76 0.83
CA ILE B 207 -5.54 -19.89 2.28
C ILE B 207 -4.17 -20.43 2.69
N GLU B 208 -3.70 -21.45 1.98
CA GLU B 208 -2.44 -22.09 2.36
C GLU B 208 -1.26 -21.15 2.11
N LEU B 209 -1.31 -20.43 0.99
CA LEU B 209 -0.29 -19.46 0.67
C LEU B 209 -0.25 -18.32 1.72
N ASN B 210 -1.41 -17.77 2.07
CA ASN B 210 -1.47 -16.71 3.06
C ASN B 210 -0.86 -17.11 4.40
N LYS B 211 -1.16 -18.34 4.83
CA LYS B 211 -0.62 -18.85 6.09
C LYS B 211 0.90 -18.94 5.99
N LEU B 212 1.38 -19.45 4.85
CA LEU B 212 2.81 -19.59 4.63
C LEU B 212 3.52 -18.23 4.69
N LEU B 213 3.00 -17.25 3.95
CA LEU B 213 3.67 -15.97 3.91
C LEU B 213 3.65 -15.29 5.28
N ALA B 214 2.54 -15.42 6.00
CA ALA B 214 2.40 -14.77 7.27
C ALA B 214 3.40 -15.37 8.24
N ALA B 215 3.76 -16.64 8.04
CA ALA B 215 4.67 -17.27 9.00
C ALA B 215 6.16 -17.14 8.62
N ASP B 216 6.44 -16.75 7.39
CA ASP B 216 7.79 -16.84 6.83
C ASP B 216 8.71 -15.79 7.45
N PRO B 217 9.70 -16.22 8.28
CA PRO B 217 10.58 -15.25 8.91
C PRO B 217 11.54 -14.60 7.93
N ARG B 218 11.58 -15.09 6.70
CA ARG B 218 12.49 -14.51 5.69
C ARG B 218 11.91 -13.29 4.99
N ILE B 219 10.67 -12.89 5.32
CA ILE B 219 10.06 -11.74 4.67
C ILE B 219 9.33 -10.85 5.66
N GLU B 220 9.18 -9.57 5.31
CA GLU B 220 8.17 -8.68 5.92
C GLU B 220 7.01 -8.60 4.93
N ILE B 221 5.77 -8.54 5.44
CA ILE B 221 4.63 -8.55 4.53
C ILE B 221 3.62 -7.47 4.85
N VAL B 222 2.86 -7.14 3.83
CA VAL B 222 1.61 -6.43 4.01
C VAL B 222 0.57 -7.05 3.06
N HIS B 223 -0.52 -7.53 3.66
CA HIS B 223 -1.62 -8.20 2.96
C HIS B 223 -2.77 -7.19 2.83
N LEU B 224 -3.02 -6.70 1.60
CA LEU B 224 -3.94 -5.58 1.39
C LEU B 224 -5.19 -5.91 0.59
N PRO B 225 -6.33 -5.37 1.03
CA PRO B 225 -7.59 -5.59 0.28
C PRO B 225 -7.76 -4.62 -0.90
N LEU B 226 -6.87 -4.75 -1.88
CA LEU B 226 -6.94 -3.97 -3.12
C LEU B 226 -7.27 -4.93 -4.23
N GLY B 227 -8.31 -4.61 -5.00
CA GLY B 227 -8.72 -5.51 -6.08
C GLY B 227 -9.21 -6.82 -5.51
N ASP B 228 -8.51 -7.91 -5.82
CA ASP B 228 -8.87 -9.23 -5.26
C ASP B 228 -7.90 -9.64 -4.14
N GLY B 229 -7.25 -8.65 -3.53
CA GLY B 229 -6.25 -8.90 -2.51
C GLY B 229 -4.87 -8.96 -3.14
N ILE B 230 -3.92 -8.25 -2.53
CA ILE B 230 -2.55 -8.30 -3.03
C ILE B 230 -1.63 -8.24 -1.82
N THR B 231 -0.58 -9.08 -1.84
CA THR B 231 0.33 -9.16 -0.71
C THR B 231 1.71 -8.79 -1.19
N PHE B 232 2.31 -7.78 -0.55
CA PHE B 232 3.68 -7.37 -0.85
C PHE B 232 4.59 -7.93 0.21
N CYS B 233 5.75 -8.44 -0.24
CA CYS B 233 6.73 -9.07 0.65
C CYS B 233 8.08 -8.41 0.39
N ARG B 234 8.83 -8.14 1.45
CA ARG B 234 10.22 -7.72 1.29
C ARG B 234 11.12 -8.84 1.78
N ARG B 235 12.08 -9.23 0.94
CA ARG B 235 12.98 -10.31 1.26
C ARG B 235 14.01 -9.85 2.28
N LEU B 236 14.09 -10.55 3.40
CA LEU B 236 15.06 -10.23 4.46
C LEU B 236 16.40 -10.99 4.36
N TYR B 237 16.35 -12.22 3.86
CA TYR B 237 17.58 -13.00 3.61
C TYR B 237 17.25 -14.18 2.69
CA CA C . -6.82 8.65 12.07
CA CA D . -2.79 12.51 32.29
N SAH E . -2.48 9.01 14.85
CA SAH E . -3.26 8.86 16.14
CB SAH E . -4.68 9.38 15.99
CG SAH E . -4.81 10.91 15.97
SD SAH E . -6.54 11.35 16.31
C SAH E . -3.25 7.43 16.64
O SAH E . -3.72 7.21 17.76
OXT SAH E . -2.76 6.48 16.00
C5' SAH E . -6.51 13.13 15.98
C4' SAH E . -5.63 13.93 16.93
O4' SAH E . -5.54 15.24 16.42
C3' SAH E . -6.20 14.07 18.35
O3' SAH E . -5.31 13.53 19.30
C2' SAH E . -6.35 15.57 18.54
O2' SAH E . -6.05 16.04 19.84
C1' SAH E . -5.38 16.13 17.50
N9 SAH E . -5.75 17.46 17.03
C8 SAH E . -6.96 17.82 16.50
N7 SAH E . -6.90 19.13 16.13
C5 SAH E . -5.64 19.58 16.41
C6 SAH E . -5.02 20.81 16.24
N6 SAH E . -5.68 21.85 15.72
N1 SAH E . -3.71 20.95 16.64
C2 SAH E . -3.02 19.89 17.20
N3 SAH E . -3.63 18.67 17.35
C4 SAH E . -4.91 18.53 16.96
CA CA F . -4.56 -11.46 -10.85
N SAH G . -1.11 -10.06 -14.42
CA SAH G . -2.10 -10.31 -15.51
CB SAH G . -3.07 -11.42 -15.13
CG SAH G . -2.50 -12.85 -15.18
SD SAH G . -3.91 -13.96 -15.24
C SAH G . -2.83 -9.02 -15.93
O SAH G . -3.63 -9.09 -16.86
OXT SAH G . -2.61 -7.93 -15.35
C5' SAH G . -3.08 -15.55 -15.02
C4' SAH G . -2.13 -15.90 -16.17
O4' SAH G . -1.35 -17.00 -15.75
C3' SAH G . -2.83 -16.35 -17.45
O3' SAH G . -2.45 -15.48 -18.50
C2' SAH G . -2.32 -17.77 -17.70
O2' SAH G . -2.03 -18.07 -19.06
C1' SAH G . -1.05 -17.81 -16.88
N9 SAH G . -0.67 -19.15 -16.40
C8 SAH G . -1.43 -20.05 -15.70
N7 SAH G . -0.69 -21.15 -15.46
C5 SAH G . 0.55 -20.95 -15.98
C6 SAH G . 1.70 -21.75 -16.03
N6 SAH G . 1.76 -22.96 -15.48
N1 SAH G . 2.83 -21.26 -16.67
C2 SAH G . 2.80 -20.01 -17.25
N3 SAH G . 1.67 -19.23 -17.20
C4 SAH G . 0.56 -19.70 -16.58
#